data_7S03
#
_entry.id   7S03
#
_cell.length_a   70.978
_cell.length_b   166.172
_cell.length_c   66.052
_cell.angle_alpha   90.00
_cell.angle_beta   90.00
_cell.angle_gamma   90.00
#
_symmetry.space_group_name_H-M   'C 2 2 21'
#
loop_
_entity.id
_entity.type
_entity.pdbx_description
1 polymer 'Histone-lysine N-methyltransferase SETMAR'
2 polymer 'Hsmar1 terminal inverted repeats'
3 polymer 'Hsmar1 terminal inverted repeats'
4 water water
#
loop_
_entity_poly.entity_id
_entity_poly.type
_entity_poly.pdbx_seq_one_letter_code
_entity_poly.pdbx_strand_id
1 'polypeptide(L)'
;S(MSE)K(MSE)(MSE)LDKKQIRAIFLFEFK(MSE)GRKAAETTRN(MSE)NNAFGPGTANERTVQWWFKKFRKGDESL
EDEERSGRPSEVDNDQLRAIIEADPLTTTREVAEE(MSE)NVNHSTVVRHLKQIGKV
;
A
2 'polydeoxyribonucleotide'
;(DA)(DA)(DC)(DC)(DG)(DC)(DA)(DA)(DT)(DT)(DA)(DC)(DT)(DT)(DT)(DT)(DG)(DC)(DA)(DC)
(DC)(DA)(DA)(DC)(DC)(DT)
;
B
3 'polydeoxyribonucleotide'
;(DG)(DG)(DT)(DT)(DG)(DG)(DT)(DG)(DC)(DA)(DA)(DA)(DA)(DG)(DT)(DA)(DA)(DT)(DT)(DG)
(DC)(DG)(DG)(DT)(DT)(DA)
;
C
#
loop_
_chem_comp.id
_chem_comp.type
_chem_comp.name
_chem_comp.formula
DA DNA linking 2'-DEOXYADENOSINE-5'-MONOPHOSPHATE 'C10 H14 N5 O6 P'
DC DNA linking 2'-DEOXYCYTIDINE-5'-MONOPHOSPHATE 'C9 H14 N3 O7 P'
DG DNA linking 2'-DEOXYGUANOSINE-5'-MONOPHOSPHATE 'C10 H14 N5 O7 P'
DT DNA linking THYMIDINE-5'-MONOPHOSPHATE 'C10 H15 N2 O8 P'
#
# COMPACT_ATOMS: atom_id res chain seq x y z
N LYS A 3 26.14 4.87 -4.19
CA LYS A 3 26.15 4.16 -5.46
C LYS A 3 24.77 3.54 -5.76
N MSE A 4 24.22 2.72 -4.82
CA MSE A 4 22.95 1.99 -4.93
C MSE A 4 21.72 2.91 -4.99
O MSE A 4 21.29 3.44 -3.95
CB MSE A 4 22.84 0.95 -3.80
CG MSE A 4 22.63 -0.48 -4.30
SE MSE A 4 20.84 -0.81 -5.07
CE MSE A 4 19.69 -0.55 -3.45
N MSE A 5 21.16 3.06 -6.20
CA MSE A 5 20.02 3.95 -6.49
C MSE A 5 18.70 3.26 -6.86
O MSE A 5 17.76 3.95 -7.24
CB MSE A 5 20.45 4.90 -7.62
CG MSE A 5 20.28 6.39 -7.28
SE MSE A 5 21.47 6.99 -5.84
CE MSE A 5 20.09 7.74 -4.59
N LEU A 6 18.62 1.93 -6.79
CA LEU A 6 17.43 1.18 -7.24
C LEU A 6 16.21 1.26 -6.32
N ASP A 7 15.00 1.39 -6.91
CA ASP A 7 13.66 1.40 -6.28
C ASP A 7 13.39 -0.03 -5.80
N LYS A 8 12.28 -0.26 -5.05
CA LYS A 8 11.89 -1.61 -4.61
C LYS A 8 11.46 -2.42 -5.83
N LYS A 9 10.79 -1.77 -6.79
CA LYS A 9 10.32 -2.35 -8.07
C LYS A 9 11.45 -2.83 -8.96
N GLN A 10 12.60 -2.14 -8.94
CA GLN A 10 13.78 -2.51 -9.71
C GLN A 10 14.48 -3.70 -9.05
N ILE A 11 14.58 -3.67 -7.70
CA ILE A 11 15.14 -4.75 -6.90
C ILE A 11 14.30 -6.03 -7.14
N ARG A 12 12.97 -5.92 -7.05
CA ARG A 12 12.05 -7.06 -7.24
C ARG A 12 12.09 -7.65 -8.63
N ALA A 13 12.37 -6.83 -9.67
CA ALA A 13 12.48 -7.27 -11.06
C ALA A 13 13.72 -8.15 -11.20
N ILE A 14 14.81 -7.80 -10.44
CA ILE A 14 16.06 -8.58 -10.44
C ILE A 14 15.79 -9.92 -9.75
N PHE A 15 14.96 -9.93 -8.68
CA PHE A 15 14.59 -11.17 -8.00
C PHE A 15 13.88 -12.07 -9.03
N LEU A 16 12.89 -11.50 -9.75
CA LEU A 16 12.10 -12.24 -10.75
C LEU A 16 12.98 -12.80 -11.83
N PHE A 17 13.94 -12.00 -12.37
CA PHE A 17 14.93 -12.43 -13.37
C PHE A 17 15.70 -13.65 -12.89
N GLU A 18 16.23 -13.57 -11.66
CA GLU A 18 17.01 -14.60 -11.00
C GLU A 18 16.22 -15.88 -10.74
N PHE A 19 14.96 -15.73 -10.28
CA PHE A 19 14.04 -16.86 -10.09
C PHE A 19 13.82 -17.57 -11.42
N LYS A 20 13.62 -16.80 -12.52
CA LYS A 20 13.39 -17.35 -13.87
C LYS A 20 14.65 -17.97 -14.50
N MSE A 21 15.85 -17.59 -14.04
CA MSE A 21 17.14 -18.18 -14.45
C MSE A 21 17.40 -19.55 -13.73
O MSE A 21 18.39 -20.24 -14.04
CB MSE A 21 18.28 -17.21 -14.11
CG MSE A 21 18.42 -16.04 -15.04
SE MSE A 21 18.83 -16.57 -16.87
CE MSE A 21 20.73 -17.29 -16.58
N GLY A 22 16.54 -19.91 -12.78
CA GLY A 22 16.61 -21.16 -12.03
C GLY A 22 17.47 -21.11 -10.79
N ARG A 23 17.83 -19.90 -10.34
CA ARG A 23 18.68 -19.72 -9.16
C ARG A 23 17.91 -20.04 -7.91
N LYS A 24 18.62 -20.44 -6.86
CA LYS A 24 18.05 -20.63 -5.52
C LYS A 24 18.07 -19.25 -4.88
N ALA A 25 17.17 -18.98 -3.94
CA ALA A 25 17.11 -17.66 -3.30
C ALA A 25 18.38 -17.28 -2.58
N ALA A 26 19.01 -18.23 -1.86
CA ALA A 26 20.27 -18.02 -1.15
C ALA A 26 21.41 -17.69 -2.16
N GLU A 27 21.35 -18.27 -3.35
CA GLU A 27 22.29 -18.04 -4.46
C GLU A 27 22.11 -16.60 -5.03
N THR A 28 20.86 -16.17 -5.26
CA THR A 28 20.45 -14.84 -5.73
C THR A 28 20.92 -13.76 -4.76
N THR A 29 20.79 -14.01 -3.44
CA THR A 29 21.20 -13.11 -2.35
C THR A 29 22.69 -12.79 -2.45
N ARG A 30 23.51 -13.82 -2.61
CA ARG A 30 24.94 -13.70 -2.79
C ARG A 30 25.29 -12.94 -4.06
N ASN A 31 24.59 -13.21 -5.16
CA ASN A 31 24.81 -12.51 -6.44
C ASN A 31 24.50 -11.01 -6.32
N MSE A 32 23.47 -10.66 -5.57
CA MSE A 32 23.08 -9.27 -5.41
C MSE A 32 23.98 -8.49 -4.48
O MSE A 32 24.30 -7.33 -4.79
CB MSE A 32 21.63 -9.20 -5.00
CG MSE A 32 20.82 -9.78 -6.12
SE MSE A 32 19.00 -9.56 -5.97
CE MSE A 32 18.99 -7.57 -6.15
N ASN A 33 24.44 -9.13 -3.38
CA ASN A 33 25.41 -8.49 -2.49
C ASN A 33 26.79 -8.41 -3.14
N ASN A 34 27.14 -9.34 -4.03
CA ASN A 34 28.43 -9.27 -4.70
C ASN A 34 28.42 -8.15 -5.74
N ALA A 35 27.35 -8.08 -6.55
CA ALA A 35 27.19 -7.08 -7.62
C ALA A 35 27.02 -5.65 -7.14
N PHE A 36 26.14 -5.43 -6.13
CA PHE A 36 25.80 -4.08 -5.67
C PHE A 36 26.42 -3.69 -4.34
N GLY A 37 26.96 -4.66 -3.60
CA GLY A 37 27.59 -4.45 -2.30
C GLY A 37 26.80 -5.00 -1.13
N PRO A 38 27.46 -5.20 0.04
CA PRO A 38 26.74 -5.74 1.22
C PRO A 38 25.49 -5.00 1.63
N GLY A 39 24.47 -5.76 2.02
CA GLY A 39 23.18 -5.25 2.47
C GLY A 39 22.19 -4.97 1.38
N THR A 40 22.47 -5.39 0.12
CA THR A 40 21.56 -5.18 -1.03
C THR A 40 20.35 -6.11 -0.90
N ALA A 41 20.59 -7.36 -0.48
CA ALA A 41 19.51 -8.34 -0.36
C ALA A 41 19.68 -9.18 0.88
N ASN A 42 18.57 -9.66 1.40
CA ASN A 42 18.52 -10.53 2.56
C ASN A 42 17.93 -11.87 2.09
N GLU A 43 18.53 -12.99 2.49
CA GLU A 43 18.13 -14.36 2.11
C GLU A 43 16.64 -14.65 2.38
N ARG A 44 16.17 -14.34 3.61
CA ARG A 44 14.78 -14.54 4.03
C ARG A 44 13.77 -13.79 3.15
N THR A 45 14.13 -12.59 2.75
CA THR A 45 13.26 -11.75 1.92
C THR A 45 13.16 -12.34 0.51
N VAL A 46 14.31 -12.78 -0.03
CA VAL A 46 14.41 -13.37 -1.36
C VAL A 46 13.62 -14.67 -1.42
N GLN A 47 13.66 -15.49 -0.34
CA GLN A 47 12.87 -16.73 -0.21
C GLN A 47 11.37 -16.43 -0.15
N TRP A 48 10.98 -15.37 0.54
CA TRP A 48 9.58 -14.92 0.66
C TRP A 48 9.03 -14.54 -0.73
N TRP A 49 9.85 -13.84 -1.55
CA TRP A 49 9.49 -13.46 -2.92
C TRP A 49 9.49 -14.66 -3.85
N PHE A 50 10.53 -15.53 -3.78
CA PHE A 50 10.62 -16.74 -4.62
C PHE A 50 9.44 -17.67 -4.42
N LYS A 51 8.95 -17.77 -3.17
CA LYS A 51 7.80 -18.56 -2.76
C LYS A 51 6.52 -18.03 -3.44
N LYS A 52 6.38 -16.69 -3.59
CA LYS A 52 5.21 -16.07 -4.25
C LYS A 52 5.28 -16.39 -5.76
N PHE A 53 6.51 -16.27 -6.35
CA PHE A 53 6.77 -16.54 -7.76
C PHE A 53 6.50 -17.99 -8.12
N ARG A 54 6.90 -18.92 -7.24
CA ARG A 54 6.76 -20.37 -7.40
C ARG A 54 5.29 -20.82 -7.50
N LYS A 55 4.38 -20.05 -6.88
CA LYS A 55 2.93 -20.25 -6.91
C LYS A 55 2.31 -19.66 -8.19
N GLY A 56 3.10 -18.91 -8.95
CA GLY A 56 2.65 -18.21 -10.16
C GLY A 56 2.27 -16.75 -9.94
N ASP A 57 2.43 -16.22 -8.71
CA ASP A 57 2.13 -14.81 -8.42
C ASP A 57 3.41 -14.00 -8.76
N GLU A 58 3.49 -13.51 -10.01
CA GLU A 58 4.67 -12.77 -10.48
C GLU A 58 4.47 -11.24 -10.50
N SER A 59 3.50 -10.76 -9.71
CA SER A 59 3.22 -9.34 -9.50
C SER A 59 4.30 -8.86 -8.54
N LEU A 60 4.91 -7.71 -8.86
CA LEU A 60 5.98 -7.16 -8.02
C LEU A 60 5.46 -6.02 -7.14
N GLU A 61 4.13 -5.92 -7.00
CA GLU A 61 3.49 -4.91 -6.18
C GLU A 61 3.16 -5.48 -4.81
N ASP A 62 2.98 -4.60 -3.83
CA ASP A 62 2.52 -4.94 -2.49
C ASP A 62 1.03 -5.22 -2.59
N GLU A 63 0.46 -5.99 -1.66
CA GLU A 63 -0.99 -6.17 -1.64
C GLU A 63 -1.60 -4.83 -1.15
N GLU A 64 -2.84 -4.50 -1.56
CA GLU A 64 -3.47 -3.23 -1.16
C GLU A 64 -3.66 -3.12 0.35
N ARG A 65 -3.46 -1.91 0.90
CA ARG A 65 -3.66 -1.63 2.33
C ARG A 65 -4.90 -0.74 2.46
N SER A 66 -5.92 -1.21 3.21
CA SER A 66 -7.18 -0.51 3.40
C SER A 66 -7.06 0.87 4.11
N GLY A 67 -6.03 1.03 4.96
CA GLY A 67 -5.76 2.26 5.69
C GLY A 67 -6.49 2.41 7.00
N ARG A 68 -6.65 3.66 7.47
CA ARG A 68 -7.38 3.96 8.71
C ARG A 68 -8.87 3.72 8.45
N PRO A 69 -9.62 3.05 9.36
CA PRO A 69 -11.06 2.88 9.10
C PRO A 69 -11.78 4.22 9.23
N SER A 70 -12.75 4.45 8.36
CA SER A 70 -13.52 5.69 8.36
C SER A 70 -14.43 5.75 9.60
N GLU A 71 -14.54 6.95 10.16
CA GLU A 71 -15.34 7.28 11.34
C GLU A 71 -16.66 7.97 10.96
N VAL A 72 -16.87 8.19 9.66
CA VAL A 72 -18.05 8.87 9.15
C VAL A 72 -18.93 7.93 8.34
N ASP A 73 -20.24 7.99 8.60
CA ASP A 73 -21.29 7.28 7.87
C ASP A 73 -21.86 8.29 6.87
N ASN A 74 -21.52 8.08 5.58
CA ASN A 74 -21.95 8.89 4.45
C ASN A 74 -23.46 8.95 4.26
N ASP A 75 -24.19 7.87 4.64
CA ASP A 75 -25.65 7.85 4.58
C ASP A 75 -26.27 8.79 5.64
N GLN A 76 -25.66 8.85 6.85
CA GLN A 76 -26.08 9.74 7.94
C GLN A 76 -25.87 11.19 7.54
N LEU A 77 -24.70 11.49 6.96
CA LEU A 77 -24.33 12.80 6.45
C LEU A 77 -25.34 13.21 5.36
N ARG A 78 -25.69 12.29 4.44
CA ARG A 78 -26.68 12.55 3.41
C ARG A 78 -28.04 12.91 4.03
N ALA A 79 -28.47 12.18 5.08
CA ALA A 79 -29.73 12.40 5.79
C ALA A 79 -29.76 13.72 6.56
N ILE A 80 -28.67 14.09 7.22
CA ILE A 80 -28.54 15.37 7.95
C ILE A 80 -28.68 16.56 6.96
N ILE A 81 -28.06 16.44 5.76
CA ILE A 81 -28.14 17.47 4.70
C ILE A 81 -29.55 17.51 4.08
N GLU A 82 -30.18 16.35 3.83
CA GLU A 82 -31.53 16.29 3.26
C GLU A 82 -32.60 16.86 4.20
N ALA A 83 -32.42 16.74 5.53
CA ALA A 83 -33.34 17.23 6.57
C ALA A 83 -33.17 18.74 6.85
N ASP A 84 -31.99 19.29 6.54
CA ASP A 84 -31.66 20.69 6.76
C ASP A 84 -30.55 21.12 5.72
N PRO A 85 -30.92 21.51 4.48
CA PRO A 85 -29.89 21.88 3.48
C PRO A 85 -29.10 23.15 3.77
N LEU A 86 -29.63 24.00 4.67
CA LEU A 86 -29.05 25.26 5.15
C LEU A 86 -27.78 25.05 6.01
N THR A 87 -27.70 23.93 6.75
CA THR A 87 -26.67 23.60 7.75
C THR A 87 -25.23 23.69 7.22
N THR A 88 -24.34 24.29 8.05
CA THR A 88 -22.92 24.51 7.80
C THR A 88 -22.11 23.28 8.20
N THR A 89 -20.86 23.18 7.68
CA THR A 89 -19.97 22.05 7.96
C THR A 89 -19.66 21.93 9.48
N ARG A 90 -19.54 23.08 10.19
CA ARG A 90 -19.28 23.12 11.63
C ARG A 90 -20.47 22.62 12.47
N GLU A 91 -21.72 22.78 11.96
CA GLU A 91 -22.95 22.33 12.59
C GLU A 91 -23.08 20.81 12.42
N VAL A 92 -22.83 20.30 11.20
CA VAL A 92 -22.83 18.87 10.88
C VAL A 92 -21.75 18.13 11.69
N ALA A 93 -20.56 18.72 11.84
CA ALA A 93 -19.45 18.14 12.59
C ALA A 93 -19.78 17.97 14.07
N GLU A 94 -20.49 18.96 14.68
CA GLU A 94 -20.87 18.89 16.09
C GLU A 94 -21.81 17.69 16.34
N GLU A 95 -22.78 17.48 15.45
CA GLU A 95 -23.74 16.38 15.47
C GLU A 95 -23.06 15.03 15.17
N MSE A 96 -22.02 15.03 14.31
CA MSE A 96 -21.33 13.80 13.90
C MSE A 96 -20.04 13.47 14.68
O MSE A 96 -19.41 12.45 14.39
CB MSE A 96 -21.07 13.80 12.40
CG MSE A 96 -22.35 13.76 11.60
SE MSE A 96 -22.04 13.52 9.70
CE MSE A 96 -21.70 11.53 9.71
N ASN A 97 -19.68 14.30 15.69
CA ASN A 97 -18.52 14.14 16.59
C ASN A 97 -17.16 14.08 15.86
N VAL A 98 -17.08 14.79 14.74
CA VAL A 98 -15.88 14.93 13.91
C VAL A 98 -15.52 16.42 13.77
N ASN A 99 -14.41 16.73 13.08
CA ASN A 99 -14.02 18.10 12.79
C ASN A 99 -14.77 18.48 11.49
N HIS A 100 -15.03 19.79 11.26
CA HIS A 100 -15.73 20.26 10.06
C HIS A 100 -15.00 19.90 8.76
N SER A 101 -13.68 19.72 8.80
CA SER A 101 -12.86 19.41 7.64
C SER A 101 -13.13 18.00 7.11
N THR A 102 -13.52 17.07 8.02
CA THR A 102 -13.89 15.68 7.72
C THR A 102 -15.24 15.74 6.99
N VAL A 103 -16.16 16.66 7.42
CA VAL A 103 -17.47 16.90 6.80
C VAL A 103 -17.24 17.43 5.38
N VAL A 104 -16.35 18.45 5.23
CA VAL A 104 -15.97 19.10 3.97
C VAL A 104 -15.51 18.01 2.99
N ARG A 105 -14.54 17.19 3.42
CA ARG A 105 -13.96 16.11 2.64
C ARG A 105 -14.97 15.02 2.24
N HIS A 106 -15.84 14.58 3.17
CA HIS A 106 -16.86 13.55 2.93
C HIS A 106 -18.02 14.04 2.04
N LEU A 107 -18.33 15.36 2.08
CA LEU A 107 -19.35 15.98 1.21
C LEU A 107 -18.86 16.01 -0.25
N LYS A 108 -17.54 16.03 -0.45
CA LYS A 108 -16.91 16.01 -1.78
C LYS A 108 -17.06 14.59 -2.35
N GLN A 109 -17.01 13.55 -1.48
CA GLN A 109 -17.15 12.14 -1.84
C GLN A 109 -18.55 11.86 -2.39
N ILE A 110 -19.59 12.31 -1.67
CA ILE A 110 -21.00 12.10 -2.00
C ILE A 110 -21.56 13.17 -2.97
#